data_5ZYF
#
_entry.id   5ZYF
#
_cell.length_a   50.771
_cell.length_b   75.292
_cell.length_c   145.702
_cell.angle_alpha   90.00
_cell.angle_beta   90.00
_cell.angle_gamma   90.00
#
_symmetry.space_group_name_H-M   'P 21 21 21'
#
loop_
_entity.id
_entity.type
_entity.pdbx_description
1 polymer 'CRISPR-associated endoribonuclease Cas2'
2 non-polymer 'SULFATE ION'
3 non-polymer 1,2-ETHANEDIOL
4 water water
#
_entity_poly.entity_id   1
_entity_poly.type   'polypeptide(L)'
_entity_poly.pdbx_seq_one_letter_code
;GSGSGSMRMILMFDMPTDTAEERKAYRKFRKFLLSEGFIMHQFSIYSKLLLNNTANNAMIGRLREHNPNKGNITLLTVTE
KQFARMIYLHGE
;
_entity_poly.pdbx_strand_id   A,B,C,D,E,F
#
loop_
_chem_comp.id
_chem_comp.type
_chem_comp.name
_chem_comp.formula
EDO non-polymer 1,2-ETHANEDIOL 'C2 H6 O2'
SO4 non-polymer 'SULFATE ION' 'O4 S -2'
#
# COMPACT_ATOMS: atom_id res chain seq x y z
N GLY A 5 -28.81 4.48 11.85
CA GLY A 5 -27.67 4.00 11.08
C GLY A 5 -26.39 4.01 11.90
N SER A 6 -25.32 3.46 11.31
CA SER A 6 -24.03 3.38 11.97
C SER A 6 -23.42 4.76 12.21
N MET A 7 -22.53 4.85 13.19
CA MET A 7 -21.92 6.12 13.56
C MET A 7 -20.43 5.95 13.85
N ARG A 8 -19.59 6.44 12.95
CA ARG A 8 -18.14 6.36 13.13
C ARG A 8 -17.65 7.36 14.18
N MET A 9 -17.17 6.85 15.31
CA MET A 9 -16.71 7.70 16.38
C MET A 9 -15.19 7.90 16.30
N ILE A 10 -14.77 9.15 16.15
CA ILE A 10 -13.35 9.49 16.30
C ILE A 10 -13.10 9.80 17.78
N LEU A 11 -12.06 9.22 18.35
CA LEU A 11 -11.72 9.44 19.75
C LEU A 11 -10.27 9.87 19.85
N MET A 12 -10.02 11.02 20.46
CA MET A 12 -8.66 11.44 20.77
C MET A 12 -8.46 11.34 22.27
N PHE A 13 -7.29 10.87 22.67
CA PHE A 13 -7.03 10.74 24.10
C PHE A 13 -5.67 11.33 24.45
N ASP A 14 -5.65 12.07 25.57
CA ASP A 14 -4.41 12.70 26.07
C ASP A 14 -4.50 12.77 27.60
N MET A 15 -3.36 12.59 28.26
CA MET A 15 -3.30 12.74 29.70
C MET A 15 -1.85 12.97 30.09
N PRO A 16 -1.63 13.58 31.27
CA PRO A 16 -0.23 13.65 31.74
C PRO A 16 0.33 12.26 31.95
N THR A 17 1.62 12.09 31.69
CA THR A 17 2.24 10.79 31.84
C THR A 17 3.60 10.87 32.53
N ASP A 18 3.81 11.90 33.33
CA ASP A 18 5.13 12.01 33.99
C ASP A 18 5.26 11.09 35.21
N THR A 19 4.15 10.64 35.79
CA THR A 19 4.23 9.70 36.93
C THR A 19 4.01 8.25 36.51
N ALA A 20 4.54 7.33 37.31
CA ALA A 20 4.33 5.92 37.04
C ALA A 20 2.86 5.56 37.10
N GLU A 21 2.15 6.13 38.07
CA GLU A 21 0.72 5.88 38.24
C GLU A 21 -0.02 6.29 36.96
N GLU A 22 0.35 7.43 36.42
CA GLU A 22 -0.31 7.92 35.20
C GLU A 22 -0.07 7.00 34.02
N ARG A 23 1.17 6.54 33.87
CA ARG A 23 1.48 5.69 32.73
C ARG A 23 0.74 4.36 32.85
N LYS A 24 0.62 3.83 34.07
CA LYS A 24 -0.16 2.62 34.28
C LYS A 24 -1.63 2.85 33.93
N ALA A 25 -2.15 4.02 34.29
CA ALA A 25 -3.53 4.38 33.97
C ALA A 25 -3.72 4.51 32.46
N TYR A 26 -2.70 5.05 31.79
CA TYR A 26 -2.77 5.21 30.34
C TYR A 26 -2.84 3.82 29.71
N ARG A 27 -1.97 2.90 30.15
CA ARG A 27 -1.94 1.56 29.57
C ARG A 27 -3.27 0.85 29.80
N LYS A 28 -3.86 1.12 30.96
CA LYS A 28 -5.13 0.48 31.35
C LYS A 28 -6.27 0.97 30.46
N PHE A 29 -6.31 2.27 30.25
CA PHE A 29 -7.37 2.85 29.41
C PHE A 29 -7.19 2.42 27.95
N ARG A 30 -5.96 2.43 27.43
CA ARG A 30 -5.73 1.99 26.06
C ARG A 30 -6.16 0.54 25.87
N LYS A 31 -5.84 -0.32 26.84
CA LYS A 31 -6.25 -1.71 26.75
C LYS A 31 -7.78 -1.80 26.77
N PHE A 32 -8.43 -0.94 27.53
CA PHE A 32 -9.88 -0.89 27.57
C PHE A 32 -10.45 -0.50 26.21
N LEU A 33 -9.89 0.54 25.60
CA LEU A 33 -10.34 0.98 24.28
C LEU A 33 -10.28 -0.17 23.29
N LEU A 34 -9.16 -0.89 23.28
CA LEU A 34 -9.00 -2.00 22.33
C LEU A 34 -10.00 -3.12 22.58
N SER A 35 -10.25 -3.44 23.85
CA SER A 35 -11.19 -4.49 24.20
C SER A 35 -12.61 -4.06 23.83
N GLU A 36 -12.83 -2.76 23.73
CA GLU A 36 -14.13 -2.25 23.30
C GLU A 36 -14.22 -2.13 21.77
N GLY A 37 -13.14 -2.48 21.08
CA GLY A 37 -13.18 -2.54 19.62
C GLY A 37 -12.67 -1.30 18.90
N PHE A 38 -12.13 -0.34 19.64
CA PHE A 38 -11.45 0.79 19.01
C PHE A 38 -10.16 0.31 18.38
N ILE A 39 -9.76 0.94 17.27
CA ILE A 39 -8.46 0.64 16.69
C ILE A 39 -7.62 1.90 16.80
N MET A 40 -6.33 1.73 17.07
CA MET A 40 -5.48 2.90 17.20
C MET A 40 -4.84 3.18 15.87
N HIS A 41 -5.08 4.36 15.34
CA HIS A 41 -4.54 4.73 14.05
C HIS A 41 -3.15 5.34 14.18
N GLN A 42 -2.95 6.08 15.26
CA GLN A 42 -1.65 6.63 15.60
C GLN A 42 -1.71 7.01 17.06
N PHE A 43 -0.58 7.42 17.62
CA PHE A 43 -0.58 7.85 19.02
C PHE A 43 -1.67 8.88 19.27
N SER A 44 -2.54 8.56 20.23
CA SER A 44 -3.63 9.41 20.73
C SER A 44 -4.90 9.39 19.84
N ILE A 45 -4.83 8.72 18.69
CA ILE A 45 -5.94 8.70 17.71
C ILE A 45 -6.59 7.33 17.53
N TYR A 46 -7.88 7.25 17.85
CA TYR A 46 -8.64 5.99 17.77
C TYR A 46 -9.96 6.15 17.03
N SER A 47 -10.54 5.06 16.58
CA SER A 47 -11.92 5.11 16.12
C SER A 47 -12.65 3.79 16.31
N LYS A 48 -13.96 3.85 16.28
CA LYS A 48 -14.80 2.67 16.31
C LYS A 48 -16.06 2.95 15.50
N LEU A 49 -16.54 1.95 14.77
CA LEU A 49 -17.84 2.04 14.15
C LEU A 49 -18.92 1.61 15.14
N LEU A 50 -19.75 2.54 15.57
CA LEU A 50 -20.87 2.21 16.43
C LEU A 50 -22.10 1.90 15.57
N LEU A 51 -22.87 0.90 15.96
CA LEU A 51 -23.93 0.39 15.09
C LEU A 51 -25.11 1.36 14.96
N ASN A 52 -25.34 2.16 15.99
CA ASN A 52 -26.45 3.10 16.02
C ASN A 52 -26.32 4.06 17.18
N ASN A 53 -27.27 4.98 17.28
CA ASN A 53 -27.25 6.01 18.30
C ASN A 53 -27.35 5.46 19.73
N THR A 54 -28.11 4.39 19.91
CA THR A 54 -28.23 3.76 21.22
C THR A 54 -26.88 3.23 21.68
N ALA A 55 -26.19 2.53 20.79
CA ALA A 55 -24.88 1.99 21.07
C ALA A 55 -23.91 3.13 21.33
N ASN A 56 -24.07 4.21 20.57
CA ASN A 56 -23.19 5.37 20.68
C ASN A 56 -23.34 6.02 22.05
N ASN A 57 -24.58 6.14 22.51
CA ASN A 57 -24.83 6.74 23.81
C ASN A 57 -24.28 5.90 24.95
N ALA A 58 -24.46 4.59 24.86
CA ALA A 58 -23.94 3.69 25.88
C ALA A 58 -22.42 3.79 25.95
N MET A 59 -21.78 3.90 24.78
CA MET A 59 -20.33 3.99 24.71
C MET A 59 -19.81 5.27 25.36
N ILE A 60 -20.49 6.39 25.11
CA ILE A 60 -20.07 7.66 25.71
C ILE A 60 -20.08 7.55 27.24
N GLY A 61 -21.12 6.93 27.79
CA GLY A 61 -21.21 6.72 29.22
C GLY A 61 -20.08 5.84 29.77
N ARG A 62 -19.81 4.75 29.05
CA ARG A 62 -18.72 3.85 29.38
C ARG A 62 -17.37 4.57 29.38
N LEU A 63 -17.14 5.37 28.35
CA LEU A 63 -15.90 6.12 28.22
C LEU A 63 -15.71 7.12 29.38
N ARG A 64 -16.79 7.79 29.75
CA ARG A 64 -16.71 8.73 30.86
C ARG A 64 -16.35 7.97 32.15
N GLU A 65 -16.96 6.80 32.34
CA GLU A 65 -16.74 5.97 33.52
C GLU A 65 -15.30 5.44 33.60
N HIS A 66 -14.70 5.16 32.45
CA HIS A 66 -13.37 4.56 32.42
C HIS A 66 -12.23 5.58 32.23
N ASN A 67 -12.58 6.85 31.99
CA ASN A 67 -11.58 7.92 31.76
C ASN A 67 -10.65 8.04 32.99
N PRO A 68 -9.31 7.98 32.80
CA PRO A 68 -8.46 8.14 33.99
C PRO A 68 -8.52 9.53 34.64
N ASN A 69 -8.04 9.58 35.88
CA ASN A 69 -7.72 10.82 36.55
C ASN A 69 -6.86 11.68 35.62
N LYS A 70 -7.32 12.90 35.29
CA LYS A 70 -6.63 13.86 34.41
C LYS A 70 -6.69 13.48 32.92
N GLY A 71 -7.49 12.46 32.59
CA GLY A 71 -7.62 12.02 31.21
C GLY A 71 -8.49 12.99 30.43
N ASN A 72 -8.14 13.24 29.18
CA ASN A 72 -8.95 14.10 28.30
C ASN A 72 -9.35 13.32 27.05
N ILE A 73 -10.65 13.16 26.86
CA ILE A 73 -11.20 12.39 25.74
C ILE A 73 -11.96 13.33 24.83
N THR A 74 -11.58 13.37 23.55
CA THR A 74 -12.32 14.15 22.56
C THR A 74 -13.11 13.18 21.72
N LEU A 75 -14.42 13.41 21.55
CA LEU A 75 -15.26 12.51 20.76
C LEU A 75 -15.96 13.28 19.64
N LEU A 76 -15.87 12.75 18.42
CA LEU A 76 -16.54 13.38 17.30
C LEU A 76 -17.06 12.33 16.34
N THR A 77 -18.35 12.37 16.02
CA THR A 77 -18.88 11.47 14.99
C THR A 77 -18.60 12.05 13.61
N VAL A 78 -18.12 11.21 12.71
CA VAL A 78 -17.86 11.64 11.35
C VAL A 78 -18.55 10.68 10.41
N THR A 79 -18.92 11.18 9.24
CA THR A 79 -19.42 10.31 8.21
C THR A 79 -18.28 9.46 7.63
N GLU A 80 -18.65 8.42 6.91
CA GLU A 80 -17.63 7.57 6.31
C GLU A 80 -16.79 8.35 5.31
N LYS A 81 -17.42 9.25 4.55
CA LYS A 81 -16.68 10.07 3.59
C LYS A 81 -15.68 10.99 4.29
N GLN A 82 -16.09 11.54 5.44
CA GLN A 82 -15.21 12.41 6.21
C GLN A 82 -14.06 11.61 6.78
N PHE A 83 -14.36 10.40 7.22
CA PHE A 83 -13.36 9.49 7.80
C PHE A 83 -12.31 9.13 6.72
N ALA A 84 -12.78 8.81 5.52
CA ALA A 84 -11.87 8.48 4.42
C ALA A 84 -10.96 9.65 4.07
N ARG A 85 -11.42 10.88 4.29
CA ARG A 85 -10.69 12.07 3.89
C ARG A 85 -9.83 12.65 5.02
N MET A 86 -9.83 12.00 6.18
CA MET A 86 -9.02 12.44 7.33
C MET A 86 -7.57 12.59 6.94
N ILE A 87 -6.96 13.67 7.40
CA ILE A 87 -5.55 13.93 7.17
C ILE A 87 -4.76 13.85 8.48
N TYR A 88 -3.63 13.14 8.45
CA TYR A 88 -2.78 13.03 9.63
C TYR A 88 -1.36 13.45 9.29
N LEU A 89 -0.75 14.24 10.18
CA LEU A 89 0.64 14.67 10.04
C LEU A 89 1.40 14.35 11.32
N HIS A 90 2.56 13.72 11.17
CA HIS A 90 3.41 13.42 12.32
C HIS A 90 4.65 14.31 12.33
N GLY A 91 4.98 14.86 13.49
CA GLY A 91 6.13 15.72 13.62
C GLY A 91 7.38 14.91 13.91
N GLU A 92 8.16 14.67 12.86
CA GLU A 92 9.49 14.07 12.96
C GLU A 92 9.49 12.67 13.57
N SER B 6 -19.77 25.84 3.74
CA SER B 6 -19.89 26.18 5.14
C SER B 6 -19.33 25.07 6.03
N MET B 7 -18.50 24.22 5.44
CA MET B 7 -17.80 23.19 6.20
C MET B 7 -16.77 23.83 7.12
N ARG B 8 -16.48 23.11 8.21
CA ARG B 8 -15.50 23.53 9.19
C ARG B 8 -14.36 22.54 9.15
N MET B 9 -13.14 23.04 9.03
CA MET B 9 -11.99 22.19 9.23
C MET B 9 -11.63 22.17 10.70
N ILE B 10 -11.58 20.98 11.28
CA ILE B 10 -11.25 20.82 12.69
C ILE B 10 -9.84 20.29 12.73
N LEU B 11 -8.98 20.95 13.51
CA LEU B 11 -7.63 20.48 13.73
C LEU B 11 -7.52 20.00 15.16
N MET B 12 -7.10 18.75 15.33
CA MET B 12 -6.84 18.22 16.66
C MET B 12 -5.35 18.00 16.76
N PHE B 13 -4.76 18.49 17.84
CA PHE B 13 -3.33 18.43 17.99
C PHE B 13 -2.98 17.76 19.29
N ASP B 14 -2.09 16.76 19.24
CA ASP B 14 -1.60 16.12 20.48
C ASP B 14 -0.09 15.94 20.43
N MET B 15 0.58 16.21 21.55
CA MET B 15 1.96 15.82 21.73
C MET B 15 2.16 15.63 23.22
N PRO B 16 3.11 14.78 23.59
CA PRO B 16 3.42 14.70 25.03
C PRO B 16 3.89 16.06 25.52
N THR B 17 3.47 16.49 26.71
CA THR B 17 3.94 17.77 27.25
C THR B 17 4.33 17.60 28.71
N ASP B 18 4.91 16.45 29.02
CA ASP B 18 5.42 16.20 30.37
C ASP B 18 6.56 17.14 30.75
N THR B 19 7.42 17.50 29.79
CA THR B 19 8.57 18.35 30.14
C THR B 19 8.28 19.80 29.82
N ALA B 20 8.97 20.69 30.52
CA ALA B 20 8.82 22.12 30.25
C ALA B 20 9.20 22.41 28.79
N GLU B 21 10.22 21.73 28.27
CA GLU B 21 10.60 21.94 26.88
C GLU B 21 9.46 21.57 25.93
N GLU B 22 8.80 20.46 26.21
CA GLU B 22 7.68 20.03 25.36
C GLU B 22 6.51 21.02 25.44
N ARG B 23 6.20 21.51 26.63
CA ARG B 23 5.07 22.44 26.76
C ARG B 23 5.39 23.73 26.00
N LYS B 24 6.66 24.11 26.00
CA LYS B 24 7.11 25.30 25.28
C LYS B 24 6.91 25.13 23.78
N ALA B 25 7.26 23.94 23.29
CA ALA B 25 7.08 23.64 21.85
C ALA B 25 5.60 23.64 21.50
N TYR B 26 4.79 23.04 22.36
CA TYR B 26 3.34 23.12 22.20
C TYR B 26 2.84 24.55 22.09
N ARG B 27 3.26 25.42 23.02
CA ARG B 27 2.79 26.82 22.98
C ARG B 27 3.19 27.53 21.70
N LYS B 28 4.39 27.25 21.22
CA LYS B 28 4.90 27.85 19.98
C LYS B 28 4.02 27.42 18.80
N PHE B 29 3.65 26.14 18.78
CA PHE B 29 2.77 25.65 17.71
C PHE B 29 1.38 26.27 17.82
N ARG B 30 0.87 26.38 19.04
CA ARG B 30 -0.43 27.02 19.24
C ARG B 30 -0.46 28.45 18.70
N LYS B 31 0.63 29.18 18.97
CA LYS B 31 0.76 30.56 18.50
C LYS B 31 0.73 30.58 16.97
N PHE B 32 1.44 29.62 16.38
CA PHE B 32 1.44 29.47 14.93
C PHE B 32 0.02 29.21 14.42
N LEU B 33 -0.70 28.28 15.05
CA LEU B 33 -2.09 28.00 14.58
C LEU B 33 -2.94 29.24 14.61
N LEU B 34 -2.84 30.03 15.68
CA LEU B 34 -3.65 31.26 15.76
C LEU B 34 -3.27 32.22 14.63
N SER B 35 -1.99 32.26 14.28
CA SER B 35 -1.51 33.12 13.20
C SER B 35 -2.00 32.65 11.84
N GLU B 36 -2.35 31.36 11.74
CA GLU B 36 -2.91 30.77 10.52
C GLU B 36 -4.43 30.92 10.47
N GLY B 37 -5.00 31.65 11.42
CA GLY B 37 -6.43 31.86 11.44
C GLY B 37 -7.28 30.76 12.03
N PHE B 38 -6.64 29.84 12.76
CA PHE B 38 -7.42 28.86 13.51
C PHE B 38 -7.94 29.51 14.79
N ILE B 39 -9.11 29.05 15.22
CA ILE B 39 -9.72 29.51 16.47
C ILE B 39 -9.59 28.38 17.50
N MET B 40 -9.22 28.72 18.74
CA MET B 40 -8.99 27.69 19.76
C MET B 40 -10.30 27.31 20.48
N HIS B 41 -10.53 26.02 20.67
CA HIS B 41 -11.70 25.54 21.41
C HIS B 41 -11.31 24.74 22.63
N GLN B 42 -10.06 24.28 22.63
CA GLN B 42 -9.50 23.53 23.77
C GLN B 42 -7.99 23.51 23.55
N PHE B 43 -7.23 22.97 24.49
CA PHE B 43 -5.78 22.92 24.31
C PHE B 43 -5.41 22.22 23.00
N SER B 44 -6.19 21.19 22.67
CA SER B 44 -5.91 20.33 21.54
C SER B 44 -6.86 20.53 20.36
N ILE B 45 -7.84 21.43 20.47
CA ILE B 45 -8.89 21.49 19.42
C ILE B 45 -9.02 22.88 18.83
N TYR B 46 -8.92 22.96 17.50
CA TYR B 46 -8.95 24.25 16.78
C TYR B 46 -9.85 24.12 15.56
N SER B 47 -10.37 25.23 15.07
CA SER B 47 -11.14 25.15 13.82
C SER B 47 -10.99 26.37 12.97
N LYS B 48 -11.35 26.22 11.70
CA LYS B 48 -11.45 27.34 10.79
C LYS B 48 -12.40 26.97 9.66
N LEU B 49 -12.95 27.98 8.98
CA LEU B 49 -13.76 27.66 7.80
C LEU B 49 -12.89 27.01 6.72
N LEU B 50 -13.43 25.96 6.09
CA LEU B 50 -12.69 25.22 5.06
C LEU B 50 -12.27 26.10 3.90
N LEU B 51 -10.97 26.14 3.64
CA LEU B 51 -10.41 26.90 2.53
C LEU B 51 -10.65 26.24 1.20
N ASN B 52 -10.53 27.00 0.12
CA ASN B 52 -10.56 26.38 -1.20
C ASN B 52 -9.39 25.40 -1.31
N ASN B 53 -9.48 24.46 -2.25
CA ASN B 53 -8.51 23.36 -2.34
C ASN B 53 -7.06 23.80 -2.44
N THR B 54 -6.78 24.74 -3.36
CA THR B 54 -5.42 25.24 -3.54
C THR B 54 -4.85 25.87 -2.24
N ALA B 55 -5.59 26.81 -1.67
CA ALA B 55 -5.16 27.42 -0.40
C ALA B 55 -5.05 26.35 0.70
N ASN B 56 -5.96 25.40 0.69
CA ASN B 56 -5.95 24.36 1.71
C ASN B 56 -4.68 23.49 1.62
N ASN B 57 -4.29 23.11 0.41
CA ASN B 57 -3.05 22.39 0.22
C ASN B 57 -1.82 23.18 0.73
N ALA B 58 -1.76 24.47 0.41
CA ALA B 58 -0.64 25.29 0.90
C ALA B 58 -0.60 25.32 2.43
N MET B 59 -1.77 25.50 3.05
CA MET B 59 -1.83 25.52 4.52
C MET B 59 -1.37 24.21 5.12
N ILE B 60 -1.79 23.09 4.54
CA ILE B 60 -1.34 21.77 5.02
C ILE B 60 0.19 21.64 4.96
N GLY B 61 0.80 22.20 3.92
CA GLY B 61 2.25 22.20 3.84
C GLY B 61 2.86 22.99 4.98
N ARG B 62 2.26 24.12 5.32
CA ARG B 62 2.77 24.96 6.41
C ARG B 62 2.59 24.26 7.77
N LEU B 63 1.45 23.61 7.95
CA LEU B 63 1.22 22.85 9.18
C LEU B 63 2.25 21.76 9.32
N ARG B 64 2.55 21.07 8.22
CA ARG B 64 3.48 19.94 8.26
C ARG B 64 4.85 20.44 8.72
N GLU B 65 5.23 21.59 8.16
CA GLU B 65 6.52 22.23 8.41
C GLU B 65 6.71 22.69 9.87
N HIS B 66 5.63 23.18 10.49
CA HIS B 66 5.73 23.75 11.83
C HIS B 66 5.38 22.75 12.93
N ASN B 67 4.90 21.58 12.54
CA ASN B 67 4.55 20.52 13.49
C ASN B 67 5.77 20.15 14.35
N PRO B 68 5.67 20.30 15.68
CA PRO B 68 6.80 19.93 16.54
C PRO B 68 7.16 18.47 16.43
N ASN B 69 8.38 18.15 16.87
CA ASN B 69 8.78 16.78 17.06
C ASN B 69 7.81 16.17 18.05
N LYS B 70 7.32 14.99 17.69
CA LYS B 70 6.38 14.21 18.50
C LYS B 70 4.96 14.75 18.39
N GLY B 71 4.75 15.73 17.51
CA GLY B 71 3.42 16.30 17.33
C GLY B 71 2.54 15.46 16.43
N ASN B 72 1.26 15.37 16.78
CA ASN B 72 0.26 14.65 15.98
C ASN B 72 -0.82 15.62 15.57
N ILE B 73 -0.96 15.85 14.27
CA ILE B 73 -2.03 16.74 13.77
C ILE B 73 -3.05 15.89 13.03
N THR B 74 -4.32 16.03 13.40
CA THR B 74 -5.41 15.37 12.66
C THR B 74 -6.32 16.45 12.12
N LEU B 75 -6.61 16.41 10.81
CA LEU B 75 -7.58 17.32 10.21
C LEU B 75 -8.81 16.55 9.75
N LEU B 76 -9.97 17.05 10.15
CA LEU B 76 -11.25 16.48 9.73
C LEU B 76 -12.12 17.62 9.27
N THR B 77 -12.93 17.39 8.25
CA THR B 77 -13.82 18.44 7.80
C THR B 77 -15.26 17.99 7.99
N VAL B 78 -16.03 18.78 8.73
CA VAL B 78 -17.41 18.41 9.09
C VAL B 78 -18.31 19.64 8.96
N THR B 79 -19.62 19.42 9.01
CA THR B 79 -20.55 20.54 9.01
C THR B 79 -20.56 21.22 10.37
N GLU B 80 -21.12 22.42 10.43
CA GLU B 80 -21.25 23.11 11.71
C GLU B 80 -22.09 22.31 12.70
N LYS B 81 -23.18 21.73 12.22
CA LYS B 81 -24.08 20.94 13.07
C LYS B 81 -23.34 19.72 13.62
N GLN B 82 -22.52 19.11 12.78
CA GLN B 82 -21.75 17.95 13.22
C GLN B 82 -20.68 18.36 14.23
N PHE B 83 -20.07 19.52 14.02
CA PHE B 83 -19.03 20.01 14.93
C PHE B 83 -19.62 20.31 16.30
N ALA B 84 -20.86 20.84 16.34
CA ALA B 84 -21.53 21.19 17.59
C ALA B 84 -21.80 19.96 18.45
N ARG B 85 -21.74 18.78 17.84
CA ARG B 85 -22.04 17.54 18.55
C ARG B 85 -20.79 17.03 19.27
N MET B 86 -19.66 17.68 19.03
CA MET B 86 -18.40 17.26 19.65
C MET B 86 -18.52 17.17 21.19
N ILE B 87 -17.91 16.14 21.75
CA ILE B 87 -17.90 15.95 23.21
C ILE B 87 -16.47 15.99 23.71
N TYR B 88 -16.26 16.64 24.85
CA TYR B 88 -14.95 16.63 25.48
C TYR B 88 -15.12 16.19 26.92
N LEU B 89 -14.43 15.12 27.29
CA LEU B 89 -14.53 14.55 28.63
C LEU B 89 -13.23 14.72 29.40
N HIS B 90 -13.28 15.40 30.53
CA HIS B 90 -12.10 15.56 31.38
C HIS B 90 -12.30 14.80 32.69
N GLY B 91 -11.39 13.89 33.00
CA GLY B 91 -11.48 13.14 34.24
C GLY B 91 -10.95 13.97 35.39
N GLU B 92 -11.79 14.15 36.41
CA GLU B 92 -11.41 14.87 37.63
C GLU B 92 -10.08 14.40 38.18
N SER C 6 -6.21 1.05 -19.02
CA SER C 6 -5.17 1.98 -18.60
C SER C 6 -5.16 2.12 -17.07
N MET C 7 -6.33 2.03 -16.45
CA MET C 7 -6.44 2.03 -15.00
C MET C 7 -6.45 0.60 -14.49
N ARG C 8 -6.02 0.41 -13.25
CA ARG C 8 -5.97 -0.90 -12.67
C ARG C 8 -6.58 -0.86 -11.27
N MET C 9 -7.41 -1.85 -10.93
CA MET C 9 -7.82 -1.98 -9.53
C MET C 9 -6.90 -2.96 -8.83
N ILE C 10 -6.22 -2.47 -7.80
CA ILE C 10 -5.39 -3.31 -6.94
C ILE C 10 -6.25 -3.88 -5.82
N LEU C 11 -6.10 -5.17 -5.58
CA LEU C 11 -6.81 -5.88 -4.54
C LEU C 11 -5.76 -6.52 -3.65
N MET C 12 -5.74 -6.11 -2.40
CA MET C 12 -4.85 -6.68 -1.41
C MET C 12 -5.76 -7.58 -0.53
N PHE C 13 -5.39 -8.85 -0.40
CA PHE C 13 -6.23 -9.81 0.33
C PHE C 13 -5.42 -10.56 1.38
N ASP C 14 -6.06 -10.85 2.52
CA ASP C 14 -5.46 -11.71 3.55
C ASP C 14 -6.55 -12.26 4.48
N MET C 15 -6.38 -13.50 4.93
CA MET C 15 -7.26 -14.10 5.94
C MET C 15 -6.46 -15.13 6.72
N PRO C 16 -6.89 -15.45 7.95
CA PRO C 16 -6.19 -16.51 8.67
C PRO C 16 -6.38 -17.84 7.96
N THR C 17 -5.36 -18.69 8.00
CA THR C 17 -5.43 -20.00 7.38
C THR C 17 -5.05 -21.09 8.38
N ASP C 18 -5.45 -20.91 9.64
CA ASP C 18 -5.12 -21.84 10.71
C ASP C 18 -5.86 -23.16 10.58
N THR C 19 -7.12 -23.07 10.16
CA THR C 19 -8.02 -24.22 10.14
C THR C 19 -8.29 -24.69 8.72
N ALA C 20 -8.72 -25.93 8.59
CA ALA C 20 -9.04 -26.50 7.29
C ALA C 20 -10.19 -25.74 6.62
N GLU C 21 -11.10 -25.22 7.43
CA GLU C 21 -12.23 -24.44 6.92
C GLU C 21 -11.74 -23.15 6.27
N GLU C 22 -10.80 -22.49 6.92
CA GLU C 22 -10.26 -21.22 6.43
C GLU C 22 -9.43 -21.44 5.17
N ARG C 23 -8.69 -22.54 5.11
CA ARG C 23 -7.89 -22.81 3.92
C ARG C 23 -8.76 -23.19 2.73
N LYS C 24 -9.87 -23.88 2.98
CA LYS C 24 -10.78 -24.21 1.89
C LYS C 24 -11.48 -22.96 1.37
N ALA C 25 -11.90 -22.09 2.29
CA ALA C 25 -12.52 -20.82 1.92
C ALA C 25 -11.52 -19.94 1.16
N TYR C 26 -10.25 -20.03 1.55
CA TYR C 26 -9.21 -19.28 0.86
C TYR C 26 -9.12 -19.70 -0.59
N ARG C 27 -9.03 -21.02 -0.83
CA ARG C 27 -8.92 -21.52 -2.19
C ARG C 27 -10.16 -21.15 -3.00
N LYS C 28 -11.33 -21.30 -2.40
CA LYS C 28 -12.56 -20.91 -3.08
C LYS C 28 -12.54 -19.44 -3.52
N PHE C 29 -12.03 -18.55 -2.67
CA PHE C 29 -12.05 -17.14 -3.01
C PHE C 29 -11.03 -16.78 -4.09
N ARG C 30 -9.86 -17.38 -4.04
CA ARG C 30 -8.90 -17.13 -5.11
C ARG C 30 -9.44 -17.64 -6.44
N LYS C 31 -10.20 -18.74 -6.42
CA LYS C 31 -10.83 -19.19 -7.67
C LYS C 31 -11.81 -18.13 -8.17
N PHE C 32 -12.55 -17.51 -7.26
CA PHE C 32 -13.50 -16.46 -7.61
C PHE C 32 -12.79 -15.25 -8.21
N LEU C 33 -11.66 -14.87 -7.61
CA LEU C 33 -10.88 -13.72 -8.10
C LEU C 33 -10.43 -13.90 -9.56
N LEU C 34 -9.90 -15.07 -9.87
CA LEU C 34 -9.51 -15.36 -11.24
C LEU C 34 -10.70 -15.31 -12.18
N SER C 35 -11.84 -15.84 -11.73
CA SER C 35 -13.06 -15.82 -12.53
C SER C 35 -13.59 -14.39 -12.73
N GLU C 36 -13.23 -13.49 -11.82
CA GLU C 36 -13.55 -12.08 -11.95
C GLU C 36 -12.50 -11.33 -12.79
N GLY C 37 -11.47 -12.04 -13.23
CA GLY C 37 -10.45 -11.46 -14.09
C GLY C 37 -9.31 -10.79 -13.36
N PHE C 38 -9.16 -11.08 -12.07
CA PHE C 38 -8.02 -10.58 -11.33
C PHE C 38 -6.82 -11.47 -11.64
N ILE C 39 -5.63 -10.87 -11.64
CA ILE C 39 -4.41 -11.63 -11.83
C ILE C 39 -3.53 -11.45 -10.61
N MET C 40 -2.83 -12.50 -10.22
CA MET C 40 -2.06 -12.47 -9.00
C MET C 40 -0.64 -11.97 -9.29
N HIS C 41 -0.15 -11.01 -8.51
CA HIS C 41 1.21 -10.49 -8.69
C HIS C 41 2.14 -10.90 -7.56
N GLN C 42 1.53 -11.26 -6.44
CA GLN C 42 2.22 -11.72 -5.24
C GLN C 42 1.13 -12.37 -4.38
N PHE C 43 1.52 -13.08 -3.32
CA PHE C 43 0.55 -13.85 -2.53
C PHE C 43 -0.71 -13.08 -2.15
N SER C 44 -0.54 -11.86 -1.68
CA SER C 44 -1.68 -11.10 -1.19
C SER C 44 -2.14 -10.01 -2.15
N ILE C 45 -1.54 -9.95 -3.34
CA ILE C 45 -1.75 -8.83 -4.23
C ILE C 45 -2.26 -9.23 -5.61
N TYR C 46 -3.42 -8.71 -5.97
CA TYR C 46 -4.06 -8.99 -7.25
C TYR C 46 -4.35 -7.68 -7.95
N SER C 47 -4.56 -7.76 -9.26
CA SER C 47 -5.05 -6.58 -9.94
C SER C 47 -5.96 -6.97 -11.09
N LYS C 48 -6.86 -6.04 -11.42
CA LYS C 48 -7.76 -6.21 -12.54
C LYS C 48 -7.65 -4.97 -13.43
N LEU C 49 -7.51 -5.17 -14.73
CA LEU C 49 -7.50 -4.03 -15.66
C LEU C 49 -8.91 -3.45 -15.78
N LEU C 50 -9.02 -2.13 -15.67
CA LEU C 50 -10.33 -1.50 -15.77
C LEU C 50 -10.56 -0.93 -17.17
N LEU C 51 -11.82 -0.92 -17.60
CA LEU C 51 -12.17 -0.43 -18.93
C LEU C 51 -12.40 1.08 -18.96
N ALA C 55 -18.48 -1.23 -14.57
CA ALA C 55 -19.49 -1.30 -13.51
C ALA C 55 -18.82 -1.54 -12.17
N ASN C 56 -18.18 -0.48 -11.66
CA ASN C 56 -17.26 -0.62 -10.56
C ASN C 56 -18.02 -0.98 -9.27
N ASN C 57 -19.14 -0.33 -8.97
CA ASN C 57 -19.74 -0.63 -7.66
C ASN C 57 -20.34 -2.03 -7.59
N ALA C 58 -20.79 -2.54 -8.73
CA ALA C 58 -21.34 -3.90 -8.74
C ALA C 58 -20.23 -4.91 -8.47
N MET C 59 -19.09 -4.73 -9.11
CA MET C 59 -17.97 -5.64 -8.81
C MET C 59 -17.56 -5.53 -7.36
N ILE C 60 -17.49 -4.31 -6.86
CA ILE C 60 -17.08 -4.12 -5.47
C ILE C 60 -18.07 -4.81 -4.53
N GLY C 61 -19.36 -4.67 -4.82
CA GLY C 61 -20.36 -5.32 -4.00
C GLY C 61 -20.26 -6.84 -4.11
N ARG C 62 -19.90 -7.33 -5.29
CA ARG C 62 -19.78 -8.77 -5.48
C ARG C 62 -18.57 -9.31 -4.72
N LEU C 63 -17.48 -8.56 -4.75
CA LEU C 63 -16.32 -8.90 -3.94
C LEU C 63 -16.68 -8.93 -2.45
N ARG C 64 -17.43 -7.93 -2.00
CA ARG C 64 -17.85 -7.86 -0.58
C ARG C 64 -18.67 -9.09 -0.17
N GLU C 65 -19.58 -9.50 -1.05
CA GLU C 65 -20.48 -10.62 -0.85
C GLU C 65 -19.72 -11.93 -0.79
N HIS C 66 -18.71 -12.06 -1.64
CA HIS C 66 -17.96 -13.31 -1.76
C HIS C 66 -16.75 -13.40 -0.82
N ASN C 67 -16.41 -12.29 -0.17
CA ASN C 67 -15.30 -12.27 0.79
C ASN C 67 -15.55 -13.34 1.87
N PRO C 68 -14.59 -14.25 2.07
CA PRO C 68 -14.76 -15.27 3.10
C PRO C 68 -14.92 -14.69 4.51
N ASN C 69 -15.58 -15.44 5.38
CA ASN C 69 -15.54 -15.14 6.81
C ASN C 69 -14.08 -15.00 7.25
N LYS C 70 -13.80 -13.93 8.01
CA LYS C 70 -12.45 -13.59 8.50
C LYS C 70 -11.52 -13.02 7.42
N GLY C 71 -12.02 -12.87 6.19
CA GLY C 71 -11.22 -12.32 5.12
C GLY C 71 -11.18 -10.80 5.13
N ASN C 72 -10.06 -10.24 4.70
CA ASN C 72 -9.90 -8.79 4.60
C ASN C 72 -9.42 -8.38 3.22
N ILE C 73 -10.19 -7.51 2.58
CA ILE C 73 -9.88 -7.01 1.26
C ILE C 73 -9.69 -5.50 1.26
N THR C 74 -8.62 -5.04 0.62
CA THR C 74 -8.45 -3.61 0.42
C THR C 74 -8.37 -3.33 -1.06
N LEU C 75 -9.18 -2.38 -1.53
CA LEU C 75 -9.20 -2.04 -2.95
C LEU C 75 -8.69 -0.63 -3.19
N LEU C 76 -7.86 -0.48 -4.22
CA LEU C 76 -7.23 0.80 -4.55
C LEU C 76 -7.12 0.86 -6.08
N THR C 77 -7.64 1.92 -6.69
CA THR C 77 -7.51 2.07 -8.14
C THR C 77 -6.31 2.96 -8.47
N VAL C 78 -5.45 2.48 -9.36
CA VAL C 78 -4.19 3.13 -9.66
C VAL C 78 -4.00 3.30 -11.16
N THR C 79 -3.22 4.30 -11.54
CA THR C 79 -2.83 4.48 -12.94
C THR C 79 -1.79 3.43 -13.32
N GLU C 80 -1.54 3.26 -14.62
CA GLU C 80 -0.51 2.32 -15.05
C GLU C 80 0.86 2.77 -14.58
N LYS C 81 1.12 4.08 -14.57
CA LYS C 81 2.39 4.62 -14.11
C LYS C 81 2.61 4.30 -12.64
N GLN C 82 1.56 4.51 -11.85
CA GLN C 82 1.61 4.22 -10.41
C GLN C 82 1.84 2.72 -10.17
N PHE C 83 1.14 1.88 -10.93
CA PHE C 83 1.31 0.44 -10.79
C PHE C 83 2.72 -0.02 -11.14
N ALA C 84 3.29 0.59 -12.20
CA ALA C 84 4.64 0.23 -12.61
C ALA C 84 5.65 0.58 -11.54
N ARG C 85 5.34 1.60 -10.73
CA ARG C 85 6.24 2.03 -9.68
C ARG C 85 6.11 1.19 -8.41
N MET C 86 5.13 0.28 -8.37
CA MET C 86 4.85 -0.50 -7.17
C MET C 86 6.10 -1.18 -6.67
N ILE C 87 6.29 -1.17 -5.35
CA ILE C 87 7.47 -1.78 -4.75
C ILE C 87 7.05 -2.91 -3.82
N TYR C 88 7.76 -4.04 -3.90
CA TYR C 88 7.49 -5.15 -3.00
C TYR C 88 8.76 -5.54 -2.28
N LEU C 89 8.72 -5.53 -0.95
CA LEU C 89 9.89 -5.89 -0.16
C LEU C 89 9.61 -7.15 0.65
N HIS C 90 10.47 -8.14 0.49
CA HIS C 90 10.38 -9.35 1.29
C HIS C 90 11.58 -9.41 2.22
N GLY C 91 11.33 -9.36 3.52
CA GLY C 91 12.41 -9.35 4.51
C GLY C 91 13.04 -10.70 4.73
N SER D 2 3.55 24.96 -2.28
CA SER D 2 2.55 25.42 -3.23
C SER D 2 1.17 24.85 -2.88
N GLY D 3 0.19 25.12 -3.74
CA GLY D 3 -1.15 24.65 -3.55
C GLY D 3 -1.47 23.42 -4.39
N SER D 4 -0.43 22.74 -4.86
CA SER D 4 -0.63 21.48 -5.57
C SER D 4 -1.09 20.40 -4.59
N GLY D 5 -1.82 19.42 -5.10
CA GLY D 5 -2.31 18.32 -4.27
C GLY D 5 -1.18 17.49 -3.69
N SER D 6 -1.38 16.98 -2.48
CA SER D 6 -0.40 16.11 -1.86
C SER D 6 -0.64 14.67 -2.30
N MET D 7 0.38 13.83 -2.07
CA MET D 7 0.29 12.42 -2.43
C MET D 7 0.23 11.58 -1.16
N ARG D 8 -0.07 10.29 -1.32
CA ARG D 8 -0.12 9.38 -0.18
C ARG D 8 0.69 8.14 -0.52
N MET D 9 1.67 7.82 0.32
CA MET D 9 2.30 6.51 0.20
C MET D 9 1.41 5.52 0.92
N ILE D 10 0.98 4.49 0.22
CA ILE D 10 0.17 3.43 0.80
C ILE D 10 1.04 2.22 1.03
N LEU D 11 1.03 1.71 2.26
CA LEU D 11 1.88 0.55 2.61
C LEU D 11 0.97 -0.57 3.09
N MET D 12 1.02 -1.73 2.43
CA MET D 12 0.39 -2.92 3.00
C MET D 12 1.46 -3.79 3.58
N PHE D 13 1.28 -4.17 4.84
CA PHE D 13 2.24 -5.02 5.50
C PHE D 13 1.57 -6.35 5.84
N ASP D 14 2.30 -7.42 5.59
CA ASP D 14 1.76 -8.75 5.68
C ASP D 14 2.87 -9.60 6.26
N MET D 15 2.58 -10.39 7.30
CA MET D 15 3.54 -11.38 7.79
C MET D 15 2.87 -12.40 8.71
N PRO D 16 3.43 -13.62 8.79
CA PRO D 16 2.90 -14.65 9.69
C PRO D 16 2.85 -14.19 11.13
N THR D 17 1.75 -14.50 11.83
CA THR D 17 1.59 -14.15 13.23
C THR D 17 1.31 -15.38 14.06
N ASP D 18 2.06 -16.44 13.80
CA ASP D 18 1.90 -17.68 14.54
C ASP D 18 2.63 -17.63 15.88
N THR D 19 3.89 -17.23 15.86
CA THR D 19 4.70 -17.27 17.07
C THR D 19 4.59 -15.96 17.84
N ALA D 20 4.84 -16.03 19.14
CA ALA D 20 4.94 -14.84 19.98
C ALA D 20 6.16 -14.04 19.58
N GLU D 21 7.13 -14.73 19.00
CA GLU D 21 8.35 -14.11 18.47
C GLU D 21 8.06 -13.39 17.16
N GLU D 22 7.14 -13.94 16.36
CA GLU D 22 6.67 -13.29 15.13
C GLU D 22 5.80 -12.10 15.45
N ARG D 23 4.85 -12.29 16.38
CA ARG D 23 3.96 -11.20 16.78
C ARG D 23 4.74 -10.07 17.44
N LYS D 24 5.82 -10.40 18.13
CA LYS D 24 6.66 -9.38 18.72
C LYS D 24 7.40 -8.63 17.61
N ALA D 25 7.80 -9.35 16.57
CA ALA D 25 8.42 -8.73 15.41
C ALA D 25 7.41 -7.83 14.69
N TYR D 26 6.16 -8.27 14.64
CA TYR D 26 5.08 -7.45 14.07
C TYR D 26 4.92 -6.13 14.83
N ARG D 27 4.82 -6.23 16.15
CA ARG D 27 4.61 -5.05 16.97
C ARG D 27 5.81 -4.12 16.85
N LYS D 28 7.00 -4.68 16.73
CA LYS D 28 8.21 -3.87 16.57
C LYS D 28 8.17 -3.08 15.27
N PHE D 29 7.76 -3.73 14.19
CA PHE D 29 7.73 -3.08 12.90
C PHE D 29 6.62 -2.02 12.88
N ARG D 30 5.48 -2.34 13.47
CA ARG D 30 4.40 -1.36 13.61
C ARG D 30 4.88 -0.14 14.40
N LYS D 31 5.63 -0.38 15.48
CA LYS D 31 6.21 0.72 16.26
C LYS D 31 7.11 1.60 15.36
N PHE D 32 7.95 0.96 14.56
CA PHE D 32 8.78 1.68 13.60
C PHE D 32 7.96 2.52 12.61
N LEU D 33 6.90 1.93 12.04
CA LEU D 33 6.07 2.64 11.07
C LEU D 33 5.47 3.88 11.71
N LEU D 34 4.98 3.74 12.94
CA LEU D 34 4.41 4.89 13.63
C LEU D 34 5.49 5.95 13.86
N SER D 35 6.72 5.53 14.19
CA SER D 35 7.82 6.48 14.44
C SER D 35 8.21 7.23 13.16
N GLU D 36 7.95 6.59 12.01
CA GLU D 36 8.24 7.20 10.72
C GLU D 36 7.09 8.10 10.27
N GLY D 37 6.02 8.13 11.05
CA GLY D 37 4.90 9.00 10.75
C GLY D 37 3.82 8.42 9.86
N PHE D 38 3.81 7.10 9.70
CA PHE D 38 2.69 6.44 9.01
C PHE D 38 1.48 6.40 9.94
N ILE D 39 0.27 6.48 9.37
CA ILE D 39 -0.95 6.24 10.15
C ILE D 39 -1.59 4.91 9.72
N MET D 40 -2.04 4.12 10.70
CA MET D 40 -2.68 2.85 10.37
C MET D 40 -4.16 3.03 10.09
N HIS D 41 -4.63 2.41 9.02
CA HIS D 41 -6.06 2.50 8.69
C HIS D 41 -6.75 1.18 8.99
N GLN D 42 -6.10 0.09 8.63
CA GLN D 42 -6.53 -1.25 9.01
C GLN D 42 -5.26 -1.98 9.42
N PHE D 43 -5.41 -3.11 10.12
CA PHE D 43 -4.27 -3.82 10.70
C PHE D 43 -3.11 -4.05 9.74
N SER D 44 -3.42 -4.07 8.45
CA SER D 44 -2.41 -4.32 7.42
C SER D 44 -2.11 -3.09 6.56
N ILE D 45 -2.89 -2.03 6.72
CA ILE D 45 -2.83 -0.90 5.79
C ILE D 45 -2.41 0.40 6.46
N TYR D 46 -1.31 0.98 5.98
CA TYR D 46 -0.75 2.22 6.50
C TYR D 46 -0.61 3.26 5.41
N SER D 47 -0.60 4.54 5.78
CA SER D 47 -0.35 5.56 4.78
C SER D 47 0.42 6.74 5.36
N LYS D 48 1.06 7.50 4.49
CA LYS D 48 1.79 8.68 4.92
C LYS D 48 1.69 9.75 3.86
N LEU D 49 1.42 10.97 4.31
CA LEU D 49 1.31 12.08 3.39
C LEU D 49 2.69 12.50 2.90
N LEU D 50 2.82 12.71 1.60
CA LEU D 50 4.07 13.15 1.00
C LEU D 50 3.90 14.54 0.40
N ASN D 57 13.05 7.62 -1.63
CA ASN D 57 14.07 6.57 -1.70
C ASN D 57 14.84 6.41 -0.39
N ALA D 58 14.94 7.51 0.36
CA ALA D 58 15.50 7.43 1.71
C ALA D 58 14.59 6.58 2.58
N MET D 59 13.30 6.87 2.49
CA MET D 59 12.27 6.13 3.20
C MET D 59 12.29 4.64 2.85
N ILE D 60 12.38 4.34 1.56
CA ILE D 60 12.32 2.97 1.10
C ILE D 60 13.46 2.13 1.68
N GLY D 61 14.63 2.74 1.78
CA GLY D 61 15.79 2.08 2.38
C GLY D 61 15.51 1.73 3.84
N ARG D 62 14.99 2.71 4.59
CA ARG D 62 14.71 2.48 6.00
C ARG D 62 13.66 1.38 6.17
N LEU D 63 12.64 1.39 5.31
CA LEU D 63 11.62 0.35 5.32
C LEU D 63 12.23 -1.03 5.12
N ARG D 64 13.12 -1.14 4.13
CA ARG D 64 13.79 -2.39 3.83
C ARG D 64 14.62 -2.84 5.02
N GLU D 65 15.28 -1.91 5.69
CA GLU D 65 16.15 -2.22 6.82
C GLU D 65 15.40 -2.77 8.03
N HIS D 66 14.16 -2.31 8.22
CA HIS D 66 13.42 -2.65 9.42
C HIS D 66 12.44 -3.78 9.21
N ASN D 67 12.21 -4.11 7.94
CA ASN D 67 11.30 -5.18 7.57
C ASN D 67 11.75 -6.46 8.25
N PRO D 68 10.88 -7.08 9.05
CA PRO D 68 11.26 -8.29 9.76
C PRO D 68 11.50 -9.44 8.79
N ASN D 69 12.22 -10.46 9.23
CA ASN D 69 12.21 -11.73 8.53
C ASN D 69 10.75 -12.16 8.38
N LYS D 70 10.39 -12.62 7.19
CA LYS D 70 9.04 -13.07 6.83
C LYS D 70 8.06 -11.92 6.60
N GLY D 71 8.53 -10.69 6.73
CA GLY D 71 7.71 -9.51 6.48
C GLY D 71 7.58 -9.18 4.99
N ASN D 72 6.36 -8.84 4.59
CA ASN D 72 6.07 -8.48 3.21
C ASN D 72 5.51 -7.07 3.16
N ILE D 73 6.15 -6.20 2.41
CA ILE D 73 5.72 -4.80 2.28
C ILE D 73 5.39 -4.51 0.84
N THR D 74 4.20 -4.00 0.60
CA THR D 74 3.83 -3.54 -0.74
C THR D 74 3.63 -2.02 -0.67
N LEU D 75 4.28 -1.28 -1.56
CA LEU D 75 4.19 0.18 -1.54
C LEU D 75 3.66 0.73 -2.84
N LEU D 76 2.67 1.60 -2.73
CA LEU D 76 2.14 2.38 -3.87
C LEU D 76 2.06 3.83 -3.46
N THR D 77 2.25 4.75 -4.40
CA THR D 77 2.04 6.16 -4.11
C THR D 77 0.92 6.66 -5.01
N VAL D 78 -0.09 7.27 -4.40
CA VAL D 78 -1.28 7.71 -5.15
C VAL D 78 -1.68 9.10 -4.73
N THR D 79 -2.62 9.71 -5.46
CA THR D 79 -3.11 11.03 -5.08
C THR D 79 -4.02 10.97 -3.85
N GLU D 80 -4.26 12.12 -3.24
CA GLU D 80 -5.22 12.20 -2.14
C GLU D 80 -6.59 11.65 -2.54
N LYS D 81 -7.03 11.98 -3.74
CA LYS D 81 -8.35 11.54 -4.21
C LYS D 81 -8.44 10.02 -4.33
N GLN D 82 -7.39 9.38 -4.83
CA GLN D 82 -7.39 7.94 -4.95
C GLN D 82 -7.36 7.28 -3.56
N PHE D 83 -6.60 7.87 -2.65
CA PHE D 83 -6.55 7.34 -1.29
C PHE D 83 -7.91 7.41 -0.65
N ALA D 84 -8.57 8.55 -0.83
CA ALA D 84 -9.88 8.74 -0.18
C ALA D 84 -10.88 7.73 -0.70
N ARG D 85 -10.67 7.24 -1.92
CA ARG D 85 -11.64 6.33 -2.52
C ARG D 85 -11.34 4.84 -2.26
N MET D 86 -10.28 4.56 -1.51
CA MET D 86 -9.93 3.18 -1.13
C MET D 86 -11.08 2.53 -0.39
N ILE D 87 -11.25 1.24 -0.62
CA ILE D 87 -12.36 0.52 -0.03
C ILE D 87 -11.83 -0.64 0.79
N TYR D 88 -12.38 -0.82 1.99
CA TYR D 88 -11.96 -1.91 2.88
C TYR D 88 -13.14 -2.82 3.12
N LEU D 89 -12.95 -4.11 2.83
CA LEU D 89 -14.02 -5.08 3.01
C LEU D 89 -13.64 -6.08 4.07
N HIS D 90 -14.58 -6.34 4.99
CA HIS D 90 -14.29 -7.31 6.05
C HIS D 90 -15.37 -8.37 6.09
N GLY D 91 -14.95 -9.61 5.83
CA GLY D 91 -15.85 -10.75 5.78
C GLY D 91 -16.51 -11.00 7.12
N GLU D 92 -17.78 -10.62 7.19
CA GLU D 92 -18.66 -10.87 8.34
C GLU D 92 -18.16 -10.20 9.63
N MET E 7 21.36 3.00 -28.08
CA MET E 7 20.38 2.30 -27.25
C MET E 7 19.94 0.99 -27.90
N ARG E 8 19.68 -0.03 -27.09
CA ARG E 8 19.17 -1.28 -27.62
C ARG E 8 17.75 -1.51 -27.16
N MET E 9 16.86 -1.81 -28.11
CA MET E 9 15.52 -2.22 -27.75
C MET E 9 15.47 -3.73 -27.58
N ILE E 10 15.16 -4.16 -26.36
CA ILE E 10 15.01 -5.59 -26.07
C ILE E 10 13.57 -6.05 -26.30
N LEU E 11 13.41 -7.11 -27.08
CA LEU E 11 12.10 -7.69 -27.30
C LEU E 11 12.06 -9.09 -26.73
N MET E 12 11.18 -9.29 -25.77
CA MET E 12 10.96 -10.58 -25.17
C MET E 12 9.65 -11.16 -25.72
N PHE E 13 9.75 -12.32 -26.36
CA PHE E 13 8.55 -12.95 -26.93
C PHE E 13 8.27 -14.32 -26.33
N ASP E 14 7.01 -14.57 -25.96
CA ASP E 14 6.61 -15.90 -25.57
C ASP E 14 5.19 -16.17 -26.04
N MET E 15 4.93 -17.41 -26.45
CA MET E 15 3.62 -17.82 -26.88
C MET E 15 3.52 -19.34 -26.90
N PRO E 16 2.31 -19.86 -26.64
CA PRO E 16 2.01 -21.30 -26.75
C PRO E 16 2.34 -21.85 -28.14
N THR E 19 0.36 -27.04 -29.73
CA THR E 19 -0.49 -26.84 -30.91
C THR E 19 0.37 -26.65 -32.15
N ALA E 20 -0.11 -27.16 -33.28
CA ALA E 20 0.59 -26.98 -34.55
C ALA E 20 0.44 -25.56 -35.09
N GLU E 21 -0.75 -24.98 -34.92
CA GLU E 21 -1.03 -23.64 -35.43
C GLU E 21 -0.12 -22.60 -34.79
N GLU E 22 -0.09 -22.61 -33.45
CA GLU E 22 0.74 -21.69 -32.68
C GLU E 22 2.21 -21.81 -33.07
N ARG E 23 2.61 -23.04 -33.42
CA ARG E 23 3.98 -23.32 -33.79
C ARG E 23 4.32 -22.72 -35.17
N LYS E 24 3.34 -22.71 -36.09
CA LYS E 24 3.54 -22.09 -37.40
C LYS E 24 3.46 -20.57 -37.33
N ALA E 25 2.56 -20.07 -36.49
CA ALA E 25 2.47 -18.64 -36.23
C ALA E 25 3.74 -18.14 -35.56
N TYR E 26 4.33 -18.97 -34.70
CA TYR E 26 5.59 -18.62 -34.06
C TYR E 26 6.68 -18.43 -35.11
N ARG E 27 6.84 -19.43 -35.97
CA ARG E 27 7.88 -19.38 -37.00
C ARG E 27 7.73 -18.16 -37.91
N LYS E 28 6.50 -17.90 -38.31
CA LYS E 28 6.18 -16.75 -39.16
C LYS E 28 6.66 -15.46 -38.51
N PHE E 29 6.36 -15.31 -37.23
CA PHE E 29 6.73 -14.12 -36.48
C PHE E 29 8.24 -14.03 -36.25
N ARG E 30 8.87 -15.17 -35.99
CA ARG E 30 10.32 -15.23 -35.86
C ARG E 30 10.98 -14.71 -37.13
N LYS E 31 10.52 -15.21 -38.27
CA LYS E 31 11.09 -14.77 -39.54
C LYS E 31 10.81 -13.27 -39.77
N PHE E 32 9.61 -12.80 -39.38
CA PHE E 32 9.30 -11.38 -39.49
C PHE E 32 10.28 -10.53 -38.72
N LEU E 33 10.57 -10.92 -37.48
CA LEU E 33 11.53 -10.20 -36.67
C LEU E 33 12.90 -10.17 -37.33
N LEU E 34 13.35 -11.30 -37.86
CA LEU E 34 14.65 -11.34 -38.50
C LEU E 34 14.66 -10.47 -39.76
N SER E 35 13.54 -10.47 -40.50
CA SER E 35 13.44 -9.64 -41.70
C SER E 35 13.49 -8.14 -41.36
N GLU E 36 13.00 -7.77 -40.19
CA GLU E 36 13.04 -6.40 -39.70
C GLU E 36 14.38 -6.01 -39.10
N GLY E 37 15.31 -6.96 -39.01
CA GLY E 37 16.65 -6.62 -38.57
C GLY E 37 16.88 -6.79 -37.08
N PHE E 38 15.99 -7.53 -36.41
CA PHE E 38 16.26 -7.93 -35.02
C PHE E 38 17.34 -8.99 -34.97
N ILE E 39 18.20 -8.93 -33.96
CA ILE E 39 19.14 -10.01 -33.71
C ILE E 39 18.52 -10.96 -32.70
N MET E 40 18.53 -12.26 -33.02
CA MET E 40 17.94 -13.27 -32.15
C MET E 40 19.02 -13.79 -31.22
N HIS E 41 18.84 -13.55 -29.94
CA HIS E 41 19.84 -14.00 -29.02
C HIS E 41 19.49 -15.41 -28.65
N GLN E 42 18.25 -15.59 -28.22
CA GLN E 42 17.79 -16.87 -27.70
C GLN E 42 16.35 -17.09 -28.14
N PHE E 43 15.79 -18.26 -27.87
CA PHE E 43 14.49 -18.65 -28.44
C PHE E 43 13.44 -17.56 -28.28
N SER E 44 13.58 -16.75 -27.25
CA SER E 44 12.56 -15.77 -26.88
C SER E 44 13.10 -14.33 -26.80
N ILE E 45 14.41 -14.16 -26.92
CA ILE E 45 15.00 -12.83 -26.70
C ILE E 45 15.58 -12.26 -27.99
N TYR E 46 15.16 -11.03 -28.32
CA TYR E 46 15.61 -10.34 -29.55
C TYR E 46 16.05 -8.93 -29.19
N SER E 47 16.90 -8.33 -30.03
CA SER E 47 17.27 -6.94 -29.81
C SER E 47 17.43 -6.22 -31.14
N LYS E 48 17.23 -4.91 -31.09
CA LYS E 48 17.36 -4.07 -32.26
C LYS E 48 18.06 -2.79 -31.86
N LEU E 49 18.97 -2.33 -32.71
CA LEU E 49 19.68 -1.09 -32.44
C LEU E 49 18.73 0.09 -32.64
N LEU E 50 18.78 1.06 -31.74
CA LEU E 50 17.99 2.28 -31.87
C LEU E 50 18.88 3.50 -32.08
N ASN E 56 9.03 6.56 -32.18
CA ASN E 56 9.13 5.19 -31.72
C ASN E 56 7.90 4.33 -32.04
N ASN E 57 6.81 5.00 -32.37
CA ASN E 57 5.51 4.38 -32.56
C ASN E 57 5.31 3.50 -33.78
N ALA E 58 6.04 3.75 -34.87
CA ALA E 58 5.86 2.98 -36.08
C ALA E 58 6.29 1.55 -35.85
N MET E 59 7.51 1.39 -35.35
CA MET E 59 8.05 0.11 -34.89
C MET E 59 7.02 -0.64 -34.06
N ILE E 60 6.63 -0.03 -32.95
CA ILE E 60 5.74 -0.67 -32.00
C ILE E 60 4.42 -1.01 -32.67
N GLY E 61 3.99 -0.14 -33.58
CA GLY E 61 2.76 -0.37 -34.32
C GLY E 61 2.77 -1.67 -35.10
N ARG E 62 3.86 -1.89 -35.86
CA ARG E 62 3.98 -3.09 -36.68
C ARG E 62 4.15 -4.35 -35.84
N LEU E 63 4.89 -4.24 -34.75
CA LEU E 63 5.01 -5.34 -33.82
C LEU E 63 3.63 -5.75 -33.34
N ARG E 64 2.80 -4.76 -33.02
CA ARG E 64 1.45 -5.02 -32.54
C ARG E 64 0.62 -5.74 -33.60
N GLU E 65 0.68 -5.25 -34.84
CA GLU E 65 -0.06 -5.86 -35.94
C GLU E 65 0.40 -7.28 -36.24
N HIS E 66 1.71 -7.50 -36.19
CA HIS E 66 2.27 -8.79 -36.56
C HIS E 66 2.28 -9.78 -35.40
N ASN E 67 2.07 -9.27 -34.19
CA ASN E 67 1.96 -10.12 -33.02
C ASN E 67 0.87 -11.17 -33.24
N PRO E 68 1.27 -12.45 -33.34
CA PRO E 68 0.29 -13.50 -33.58
C PRO E 68 -0.69 -13.62 -32.42
N ASN E 69 -1.88 -14.15 -32.66
CA ASN E 69 -2.83 -14.35 -31.58
C ASN E 69 -2.24 -15.31 -30.54
N LYS E 70 -2.46 -14.99 -29.27
CA LYS E 70 -1.91 -15.69 -28.10
C LYS E 70 -0.44 -15.34 -27.85
N GLY E 71 0.08 -14.39 -28.65
CA GLY E 71 1.47 -13.99 -28.53
C GLY E 71 1.68 -12.87 -27.52
N ASN E 72 2.75 -12.99 -26.73
CA ASN E 72 3.10 -11.93 -25.79
C ASN E 72 4.44 -11.29 -26.11
N ILE E 73 4.43 -9.99 -26.32
CA ILE E 73 5.63 -9.23 -26.61
C ILE E 73 5.88 -8.23 -25.49
N THR E 74 7.06 -8.32 -24.88
CA THR E 74 7.47 -7.31 -23.92
C THR E 74 8.64 -6.52 -24.50
N LEU E 75 8.52 -5.20 -24.46
CA LEU E 75 9.52 -4.31 -25.04
C LEU E 75 10.19 -3.49 -23.94
N LEU E 76 11.51 -3.44 -23.99
CA LEU E 76 12.28 -2.70 -23.01
C LEU E 76 13.47 -2.04 -23.70
N THR E 77 13.77 -0.81 -23.33
CA THR E 77 14.90 -0.11 -23.97
C THR E 77 16.03 0.14 -22.96
N VAL E 78 17.25 -0.25 -23.34
CA VAL E 78 18.37 -0.21 -22.40
C VAL E 78 19.66 0.25 -23.07
N THR E 79 20.68 0.59 -22.28
CA THR E 79 21.99 0.94 -22.84
C THR E 79 22.71 -0.33 -23.30
N GLU E 80 23.77 -0.16 -24.10
CA GLU E 80 24.47 -1.32 -24.64
C GLU E 80 25.14 -2.17 -23.56
N LYS E 81 25.74 -1.57 -22.54
CA LYS E 81 26.40 -2.43 -21.56
C LYS E 81 25.35 -3.03 -20.61
N GLN E 82 24.19 -2.38 -20.48
CA GLN E 82 23.07 -3.00 -19.79
C GLN E 82 22.74 -4.31 -20.48
N PHE E 83 22.58 -4.20 -21.80
CA PHE E 83 22.34 -5.33 -22.69
C PHE E 83 23.45 -6.39 -22.58
N ALA E 84 24.70 -5.95 -22.56
CA ALA E 84 25.83 -6.88 -22.55
C ALA E 84 25.91 -7.63 -21.23
N ARG E 85 25.32 -7.05 -20.18
CA ARG E 85 25.33 -7.64 -18.86
C ARG E 85 24.21 -8.67 -18.70
N MET E 86 23.29 -8.72 -19.67
CA MET E 86 22.19 -9.66 -19.60
C MET E 86 22.71 -11.08 -19.36
N ILE E 87 22.06 -11.78 -18.44
CA ILE E 87 22.46 -13.11 -18.06
C ILE E 87 21.44 -14.10 -18.58
N TYR E 88 21.92 -15.18 -19.18
CA TYR E 88 21.02 -16.21 -19.69
C TYR E 88 21.26 -17.52 -18.96
N LEU E 89 20.22 -18.04 -18.32
CA LEU E 89 20.33 -19.28 -17.57
C LEU E 89 19.47 -20.37 -18.19
N HIS E 90 20.11 -21.50 -18.49
CA HIS E 90 19.40 -22.65 -19.04
C HIS E 90 19.42 -23.78 -18.04
N GLY E 91 18.23 -24.25 -17.65
CA GLY E 91 18.09 -25.25 -16.60
C GLY E 91 18.90 -26.52 -16.80
N SER F 6 17.76 1.79 -6.40
CA SER F 6 17.04 2.59 -7.40
C SER F 6 16.84 1.80 -8.69
N MET F 7 17.40 0.60 -8.73
CA MET F 7 17.33 -0.24 -9.93
C MET F 7 16.28 -1.34 -9.80
N ARG F 8 15.87 -1.89 -10.94
CA ARG F 8 14.99 -3.05 -10.97
C ARG F 8 15.67 -4.17 -11.75
N MET F 9 15.71 -5.38 -11.18
CA MET F 9 16.07 -6.55 -11.94
C MET F 9 14.84 -7.13 -12.66
N ILE F 10 14.96 -7.32 -13.97
CA ILE F 10 13.88 -7.93 -14.73
C ILE F 10 14.24 -9.37 -15.02
N LEU F 11 13.30 -10.27 -14.77
CA LEU F 11 13.50 -11.68 -15.01
C LEU F 11 12.46 -12.18 -15.99
N MET F 12 12.91 -12.62 -17.17
CA MET F 12 12.01 -13.31 -18.07
C MET F 12 12.18 -14.81 -17.98
N PHE F 13 11.07 -15.51 -17.79
CA PHE F 13 11.10 -16.95 -17.67
C PHE F 13 10.23 -17.61 -18.75
N ASP F 14 10.74 -18.69 -19.34
CA ASP F 14 9.95 -19.46 -20.30
C ASP F 14 10.33 -20.92 -20.20
N MET F 15 9.33 -21.80 -20.38
CA MET F 15 9.55 -23.24 -20.41
C MET F 15 8.33 -23.94 -21.02
N PRO F 16 8.55 -25.09 -21.69
CA PRO F 16 7.47 -25.85 -22.35
C PRO F 16 6.28 -26.14 -21.46
N GLU F 22 4.49 -31.38 -16.52
CA GLU F 22 5.61 -30.46 -16.29
C GLU F 22 5.12 -29.07 -15.93
N ARG F 23 3.80 -28.91 -15.83
CA ARG F 23 3.22 -27.65 -15.36
C ARG F 23 3.63 -27.41 -13.91
N LYS F 24 3.57 -28.46 -13.10
CA LYS F 24 3.90 -28.39 -11.68
C LYS F 24 5.33 -27.95 -11.45
N ALA F 25 6.19 -28.15 -12.44
CA ALA F 25 7.54 -27.62 -12.41
C ALA F 25 7.50 -26.10 -12.40
N TYR F 26 6.68 -25.52 -13.29
CA TYR F 26 6.56 -24.06 -13.37
C TYR F 26 6.00 -23.50 -12.07
N ARG F 27 4.90 -24.09 -11.61
CA ARG F 27 4.21 -23.64 -10.41
C ARG F 27 5.17 -23.59 -9.21
N LYS F 28 6.02 -24.60 -9.08
CA LYS F 28 6.95 -24.61 -7.97
C LYS F 28 8.02 -23.54 -8.16
N PHE F 29 8.44 -23.31 -9.39
CA PHE F 29 9.40 -22.25 -9.69
C PHE F 29 8.77 -20.88 -9.45
N ARG F 30 7.52 -20.72 -9.89
CA ARG F 30 6.81 -19.48 -9.67
C ARG F 30 6.71 -19.23 -8.18
N LYS F 31 6.44 -20.29 -7.42
CA LYS F 31 6.33 -20.16 -5.96
C LYS F 31 7.67 -19.72 -5.37
N PHE F 32 8.75 -20.27 -5.91
CA PHE F 32 10.09 -19.92 -5.45
C PHE F 32 10.42 -18.45 -5.75
N LEU F 33 10.06 -17.98 -6.95
CA LEU F 33 10.28 -16.58 -7.29
C LEU F 33 9.56 -15.67 -6.33
N LEU F 34 8.27 -15.96 -6.11
CA LEU F 34 7.45 -15.19 -5.20
C LEU F 34 8.00 -15.25 -3.78
N SER F 35 8.66 -16.35 -3.43
CA SER F 35 9.27 -16.50 -2.12
C SER F 35 10.59 -15.72 -2.03
N GLU F 36 11.19 -15.45 -3.18
CA GLU F 36 12.41 -14.64 -3.24
C GLU F 36 12.07 -13.17 -3.43
N GLY F 37 10.79 -12.83 -3.27
CA GLY F 37 10.34 -11.46 -3.35
C GLY F 37 10.11 -10.88 -4.74
N PHE F 38 9.96 -11.74 -5.75
CA PHE F 38 9.68 -11.24 -7.10
C PHE F 38 8.22 -10.84 -7.25
N ILE F 39 7.98 -9.78 -8.01
CA ILE F 39 6.62 -9.43 -8.44
C ILE F 39 6.40 -10.01 -9.80
N MET F 40 5.33 -10.79 -9.96
CA MET F 40 4.95 -11.30 -11.27
C MET F 40 4.13 -10.25 -12.02
N HIS F 41 4.49 -9.98 -13.26
CA HIS F 41 3.76 -8.97 -14.01
C HIS F 41 2.94 -9.62 -15.09
N GLN F 42 3.44 -10.76 -15.53
CA GLN F 42 2.85 -11.51 -16.61
C GLN F 42 3.36 -12.93 -16.45
N PHE F 43 2.69 -13.88 -17.09
CA PHE F 43 3.09 -15.29 -17.12
C PHE F 43 4.60 -15.52 -17.11
N SER F 44 5.34 -14.66 -17.80
CA SER F 44 6.77 -14.85 -17.99
C SER F 44 7.65 -13.73 -17.43
N ILE F 45 7.05 -12.59 -17.11
CA ILE F 45 7.85 -11.42 -16.67
C ILE F 45 7.76 -11.13 -15.17
N TYR F 46 8.91 -11.06 -14.52
CA TYR F 46 8.96 -10.80 -13.06
C TYR F 46 9.95 -9.67 -12.78
N SER F 47 9.81 -9.00 -11.64
CA SER F 47 10.77 -7.95 -11.32
C SER F 47 11.11 -7.89 -9.84
N LYS F 48 12.30 -7.37 -9.55
CA LYS F 48 12.74 -7.20 -8.16
C LYS F 48 13.49 -5.89 -7.97
N LEU F 49 13.21 -5.21 -6.86
CA LEU F 49 13.96 -4.02 -6.46
C LEU F 49 15.33 -4.45 -5.95
N LEU F 50 16.39 -3.77 -6.41
CA LEU F 50 17.74 -4.21 -6.10
C LEU F 50 18.41 -3.43 -4.97
N LEU F 51 19.37 -4.08 -4.32
CA LEU F 51 20.19 -3.45 -3.30
C LEU F 51 21.27 -2.59 -3.95
N THR F 54 25.34 -4.41 -4.35
CA THR F 54 26.26 -4.33 -5.47
C THR F 54 26.05 -5.55 -6.32
N ALA F 55 26.55 -6.69 -5.85
CA ALA F 55 26.61 -7.91 -6.61
C ALA F 55 25.59 -8.92 -6.08
N ASN F 56 24.79 -9.47 -6.99
CA ASN F 56 23.76 -10.42 -6.58
C ASN F 56 24.13 -11.86 -6.95
N ASN F 57 25.43 -12.14 -6.89
CA ASN F 57 25.98 -13.44 -7.19
C ASN F 57 25.25 -14.53 -6.42
N ALA F 58 24.99 -14.27 -5.14
CA ALA F 58 24.27 -15.22 -4.29
C ALA F 58 22.90 -15.58 -4.88
N MET F 59 22.03 -14.58 -5.04
CA MET F 59 20.68 -14.83 -5.54
C MET F 59 20.67 -15.41 -6.96
N ILE F 60 21.60 -14.97 -7.80
CA ILE F 60 21.67 -15.47 -9.17
C ILE F 60 22.00 -16.97 -9.13
N GLY F 61 22.87 -17.36 -8.20
CA GLY F 61 23.18 -18.75 -7.97
C GLY F 61 21.96 -19.59 -7.61
N ARG F 62 21.10 -19.05 -6.78
CA ARG F 62 19.89 -19.79 -6.38
C ARG F 62 18.90 -19.85 -7.55
N LEU F 63 18.76 -18.75 -8.28
CA LEU F 63 17.97 -18.77 -9.50
C LEU F 63 18.46 -19.89 -10.44
N ARG F 64 19.78 -19.95 -10.64
CA ARG F 64 20.33 -20.94 -11.55
C ARG F 64 20.00 -22.36 -11.08
N GLU F 65 20.10 -22.60 -9.78
CA GLU F 65 19.89 -23.94 -9.22
C GLU F 65 18.41 -24.33 -9.20
N HIS F 66 17.53 -23.36 -8.99
CA HIS F 66 16.09 -23.65 -8.92
C HIS F 66 15.44 -23.70 -10.29
N ASN F 67 16.06 -23.05 -11.28
CA ASN F 67 15.60 -23.11 -12.66
C ASN F 67 15.32 -24.55 -13.06
N PRO F 68 14.06 -24.85 -13.37
CA PRO F 68 13.69 -26.22 -13.78
C PRO F 68 14.46 -26.64 -15.02
N ASN F 69 14.50 -27.94 -15.29
CA ASN F 69 15.32 -28.49 -16.36
C ASN F 69 15.13 -27.83 -17.72
N LYS F 70 13.88 -27.62 -18.13
CA LYS F 70 13.62 -27.10 -19.47
C LYS F 70 13.32 -25.60 -19.45
N GLY F 71 13.65 -24.95 -18.35
CA GLY F 71 13.38 -23.53 -18.19
C GLY F 71 14.49 -22.65 -18.71
N ASN F 72 14.10 -21.47 -19.20
CA ASN F 72 15.07 -20.47 -19.61
C ASN F 72 14.84 -19.17 -18.84
N ILE F 73 15.88 -18.68 -18.20
CA ILE F 73 15.82 -17.45 -17.45
C ILE F 73 16.72 -16.41 -18.10
N THR F 74 16.16 -15.23 -18.32
CA THR F 74 16.93 -14.10 -18.81
C THR F 74 16.86 -12.95 -17.81
N LEU F 75 18.01 -12.46 -17.40
CA LEU F 75 18.08 -11.40 -16.40
C LEU F 75 18.61 -10.13 -17.02
N LEU F 76 17.95 -9.03 -16.69
CA LEU F 76 18.33 -7.72 -17.20
C LEU F 76 18.06 -6.71 -16.08
N THR F 77 19.04 -5.84 -15.80
CA THR F 77 18.88 -4.83 -14.76
C THR F 77 18.68 -3.46 -15.40
N VAL F 78 17.62 -2.77 -14.98
CA VAL F 78 17.28 -1.47 -15.56
C VAL F 78 16.92 -0.43 -14.50
N THR F 79 16.86 0.83 -14.91
CA THR F 79 16.47 1.91 -14.01
C THR F 79 14.95 1.96 -13.89
N GLU F 80 14.46 2.68 -12.91
CA GLU F 80 13.02 2.75 -12.64
C GLU F 80 12.21 3.21 -13.85
N LYS F 81 12.67 4.27 -14.50
CA LYS F 81 11.91 4.84 -15.62
C LYS F 81 11.96 3.94 -16.85
N GLN F 82 13.07 3.22 -17.05
CA GLN F 82 13.15 2.22 -18.11
C GLN F 82 12.10 1.14 -17.88
N PHE F 83 12.05 0.64 -16.65
CA PHE F 83 11.03 -0.31 -16.25
C PHE F 83 9.62 0.23 -16.47
N ALA F 84 9.40 1.48 -16.08
CA ALA F 84 8.08 2.07 -16.18
C ALA F 84 7.63 2.24 -17.64
N ARG F 85 8.59 2.47 -18.54
CA ARG F 85 8.24 2.68 -19.94
C ARG F 85 8.21 1.37 -20.70
N MET F 86 8.28 0.27 -19.97
CA MET F 86 8.17 -1.05 -20.56
C MET F 86 6.80 -1.24 -21.21
N ILE F 87 6.80 -1.84 -22.40
CA ILE F 87 5.57 -1.98 -23.17
C ILE F 87 5.20 -3.45 -23.31
N TYR F 88 3.92 -3.76 -23.12
CA TYR F 88 3.45 -5.13 -23.21
C TYR F 88 2.33 -5.29 -24.22
N LEU F 89 2.57 -6.13 -25.22
CA LEU F 89 1.59 -6.38 -26.27
C LEU F 89 1.07 -7.81 -26.21
N HIS F 90 -0.25 -7.93 -26.31
CA HIS F 90 -0.88 -9.25 -26.46
C HIS F 90 -1.66 -9.26 -27.77
N GLY F 91 -1.33 -10.21 -28.63
CA GLY F 91 -1.93 -10.29 -29.95
C GLY F 91 -3.45 -10.42 -29.93
S SO4 G . 6.62 2.66 33.65
O1 SO4 G . 6.57 1.21 33.90
O2 SO4 G . 7.47 2.90 32.49
O3 SO4 G . 7.19 3.33 34.82
O4 SO4 G . 5.30 3.17 33.39
C1 EDO H . -19.56 11.50 19.60
O1 EDO H . -20.82 10.90 19.27
C2 EDO H . -19.72 13.02 19.52
O2 EDO H . -20.05 13.43 18.18
C1 EDO I . 0.71 -2.54 34.12
O1 EDO I . 0.45 -1.87 32.88
C2 EDO I . 2.14 -2.32 34.55
O2 EDO I . 2.37 -2.97 35.82
C1 EDO J . -11.19 13.74 -3.07
O1 EDO J . -11.04 13.57 -1.65
C2 EDO J . -12.66 13.82 -3.44
O2 EDO J . -13.19 15.10 -3.04
C1 EDO K . -21.15 13.59 3.87
O1 EDO K . -19.87 13.26 4.41
C2 EDO K . -21.60 12.50 2.93
O2 EDO K . -21.75 11.30 3.68
C1 EDO L . 3.68 10.44 19.58
O1 EDO L . 3.74 11.85 19.80
C2 EDO L . 4.25 10.10 18.21
O2 EDO L . 3.20 9.95 17.25
S SO4 M . -0.39 26.39 28.53
O1 SO4 M . -1.36 25.61 27.77
O2 SO4 M . 0.94 25.78 28.41
O3 SO4 M . -0.79 26.39 29.93
O4 SO4 M . -0.34 27.77 28.02
C1 EDO N . -12.90 24.16 -4.84
O1 EDO N . -12.70 24.40 -3.45
C2 EDO N . -11.92 24.99 -5.63
O2 EDO N . -10.60 24.63 -5.21
C1 EDO O . -2.07 19.78 23.41
O1 EDO O . -3.04 19.42 24.40
C2 EDO O . -0.86 18.90 23.60
O2 EDO O . -1.34 17.55 23.58
S SO4 P . -8.29 -28.05 11.87
O1 SO4 P . -8.11 -29.38 12.45
O2 SO4 P . -8.14 -28.16 10.42
O3 SO4 P . -7.28 -27.14 12.40
O4 SO4 P . -9.63 -27.55 12.18
S SO4 Q . -23.20 -14.48 -7.35
O1 SO4 Q . -22.37 -15.61 -6.92
O2 SO4 Q . -23.35 -14.52 -8.80
O3 SO4 Q . -22.55 -13.23 -6.95
O4 SO4 Q . -24.51 -14.57 -6.73
S SO4 R . -5.85 -28.57 3.65
O1 SO4 R . -6.66 -29.17 2.59
O2 SO4 R . -4.59 -29.31 3.78
O3 SO4 R . -5.55 -27.18 3.32
O4 SO4 R . -6.58 -28.61 4.91
S SO4 S . 1.76 -12.51 22.84
O1 SO4 S . 1.45 -13.59 23.79
O2 SO4 S . 2.63 -13.02 21.79
O3 SO4 S . 0.51 -12.02 22.25
O4 SO4 S . 2.43 -11.43 23.56
C1 EDO T . 5.44 -6.08 -18.17
O1 EDO T . 5.68 -6.73 -19.42
C2 EDO T . 5.42 -4.57 -18.38
O2 EDO T . 4.51 -4.23 -19.44
C1 EDO U . 14.28 -18.50 -39.97
O1 EDO U . 13.04 -17.78 -39.99
C2 EDO U . 14.21 -19.60 -38.90
O2 EDO U . 13.80 -19.02 -37.65
#